data_6T8T
#
_entry.id   6T8T
#
_cell.length_a   63.090
_cell.length_b   89.510
_cell.length_c   61.070
_cell.angle_alpha   90.000
_cell.angle_beta   97.550
_cell.angle_gamma   90.000
#
_symmetry.space_group_name_H-M   'C 1 2 1'
#
loop_
_entity.id
_entity.type
_entity.pdbx_description
1 polymer 'Genome polyprotein'
2 polymer 'Genome polyprotein'
3 non-polymer 'DIMETHYL SULFOXIDE'
4 non-polymer 'PHOSPHATE ION'
5 non-polymer '2-(4-ethoxyphenyl)ethanoic acid'
6 water water
#
loop_
_entity_poly.entity_id
_entity_poly.type
_entity_poly.pdbx_seq_one_letter_code
_entity_poly.pdbx_strand_id
1 'polypeptide(L)'
;APPTLWSRVTKFGSGWGFWVSPTVFITTTHVIPTSAKEFFGEPLTSIAIHRAGEFTLFRFSKKIRPDLTGMILEEGCPEG
TVCSVLIKRDSGELLPLAVRMGAIASMRIQGRLVHGQSGMLLTGANAKGMDLGTIPGDCGAPYVYKRANDWVVCGVHAAA
TKSGNTVVCAVQ
;
A
2 'polypeptide(L)'
;PTLWSRVTKFGSGWGFWVSPTVFITTTHVIPTSAKEFFGEPLTSIAIHRAGEFTLFRFSKKIRPDLTGMILEEGCPEGTV
CSVLIKRDSGELLPLAVRMGAIASMRIQGRLVHGQSGMLLTGANAKGMDLGTIPGDCGAPYVYKRANDWVVCGVHAAATK
SGNTVVCAVQA
;
B
#
# COMPACT_ATOMS: atom_id res chain seq x y z
N ALA A 1 -3.28 2.60 -9.14
CA ALA A 1 -2.97 3.77 -10.00
C ALA A 1 -2.67 3.20 -11.39
N PRO A 2 -3.05 3.92 -12.46
CA PRO A 2 -2.88 3.46 -13.84
C PRO A 2 -1.41 3.17 -14.20
N PRO A 3 -1.17 2.17 -15.08
CA PRO A 3 0.18 1.91 -15.60
C PRO A 3 0.96 3.13 -16.12
N THR A 4 0.31 4.07 -16.79
CA THR A 4 0.99 5.25 -17.37
C THR A 4 1.59 6.10 -16.23
N LEU A 5 1.01 6.10 -15.01
CA LEU A 5 1.67 6.86 -13.90
C LEU A 5 2.91 6.08 -13.38
N TRP A 6 2.82 4.78 -13.21
CA TRP A 6 3.97 3.96 -12.73
C TRP A 6 5.13 4.06 -13.73
N SER A 7 4.84 4.16 -15.04
CA SER A 7 5.89 4.24 -16.10
CA SER A 7 5.88 4.24 -16.11
C SER A 7 6.70 5.53 -15.98
N ARG A 8 6.13 6.56 -15.36
CA ARG A 8 6.81 7.87 -15.18
C ARG A 8 7.74 7.87 -13.97
N VAL A 9 7.66 6.88 -13.10
CA VAL A 9 8.46 6.83 -11.84
C VAL A 9 9.81 6.16 -12.19
N THR A 10 10.88 6.93 -12.06
CA THR A 10 12.26 6.63 -12.53
C THR A 10 13.26 6.59 -11.37
N LYS A 11 14.06 5.50 -11.27
CA LYS A 11 15.18 5.46 -10.29
C LYS A 11 16.14 6.61 -10.55
N PHE A 12 16.52 7.38 -9.52
CA PHE A 12 17.35 8.61 -9.68
C PHE A 12 18.08 8.93 -8.38
N GLY A 13 19.42 9.05 -8.48
CA GLY A 13 20.27 9.37 -7.32
C GLY A 13 20.05 8.37 -6.21
N SER A 14 19.80 8.83 -5.01
CA SER A 14 19.50 7.99 -3.82
C SER A 14 17.99 7.70 -3.64
N GLY A 15 17.16 7.99 -4.65
CA GLY A 15 15.70 7.82 -4.57
C GLY A 15 15.09 7.74 -5.95
N TRP A 16 14.13 8.63 -6.22
CA TRP A 16 13.25 8.60 -7.42
C TRP A 16 12.99 9.99 -7.98
N GLY A 17 12.48 10.02 -9.19
CA GLY A 17 11.89 11.21 -9.82
C GLY A 17 10.75 10.82 -10.71
N PHE A 18 10.06 11.80 -11.30
CA PHE A 18 8.77 11.61 -11.99
C PHE A 18 8.69 12.50 -13.25
N TRP A 19 8.45 11.88 -14.41
CA TRP A 19 8.25 12.59 -15.70
C TRP A 19 6.81 13.13 -15.78
N VAL A 20 6.67 14.45 -15.68
CA VAL A 20 5.37 15.17 -15.85
C VAL A 20 4.97 15.17 -17.35
N SER A 21 5.97 15.20 -18.24
CA SER A 21 5.80 15.36 -19.71
C SER A 21 7.04 14.80 -20.39
N PRO A 22 7.11 14.73 -21.74
CA PRO A 22 8.35 14.27 -22.39
C PRO A 22 9.59 15.13 -22.10
N THR A 23 9.44 16.40 -21.70
CA THR A 23 10.56 17.33 -21.36
C THR A 23 10.69 17.74 -19.88
N VAL A 24 9.78 17.36 -18.99
CA VAL A 24 9.78 17.87 -17.59
C VAL A 24 9.85 16.70 -16.59
N PHE A 25 10.88 16.74 -15.74
CA PHE A 25 11.23 15.75 -14.70
C PHE A 25 11.30 16.45 -13.36
N ILE A 26 10.54 15.97 -12.39
CA ILE A 26 10.57 16.51 -10.98
C ILE A 26 11.17 15.48 -10.00
N THR A 27 11.78 16.00 -8.93
CA THR A 27 12.42 15.17 -7.87
C THR A 27 12.58 15.98 -6.57
N THR A 28 13.05 15.28 -5.54
CA THR A 28 13.40 15.82 -4.20
C THR A 28 14.87 16.27 -4.26
N THR A 29 15.15 17.52 -3.88
CA THR A 29 16.45 18.16 -4.10
C THR A 29 17.57 17.30 -3.48
N HIS A 30 17.36 16.75 -2.27
CA HIS A 30 18.44 16.03 -1.54
C HIS A 30 18.78 14.68 -2.18
N VAL A 31 17.98 14.12 -3.10
CA VAL A 31 18.37 12.82 -3.71
C VAL A 31 19.27 13.03 -4.96
N ILE A 32 19.41 14.26 -5.44
CA ILE A 32 20.18 14.59 -6.68
C ILE A 32 21.66 14.30 -6.43
N PRO A 33 22.31 13.54 -7.33
CA PRO A 33 23.77 13.37 -7.22
C PRO A 33 24.51 14.71 -7.48
N THR A 34 25.16 15.32 -6.47
CA THR A 34 25.61 16.74 -6.53
C THR A 34 26.81 16.93 -7.48
N SER A 35 27.60 15.88 -7.74
CA SER A 35 28.71 15.92 -8.75
C SER A 35 28.20 15.77 -10.20
N ALA A 36 26.93 15.44 -10.46
CA ALA A 36 26.49 15.02 -11.82
C ALA A 36 26.46 16.23 -12.75
N LYS A 37 26.98 16.07 -13.97
CA LYS A 37 27.05 17.11 -15.03
C LYS A 37 26.30 16.69 -16.30
N GLU A 38 25.71 15.50 -16.33
CA GLU A 38 24.98 14.97 -17.51
C GLU A 38 23.76 14.21 -16.97
N PHE A 39 22.59 14.42 -17.57
CA PHE A 39 21.31 13.75 -17.24
C PHE A 39 20.62 13.33 -18.56
N PHE A 40 20.35 12.04 -18.68
CA PHE A 40 19.65 11.41 -19.82
C PHE A 40 20.36 11.72 -21.14
N GLY A 41 21.70 11.76 -21.15
CA GLY A 41 22.51 12.08 -22.33
C GLY A 41 22.66 13.56 -22.62
N GLU A 42 22.12 14.46 -21.80
CA GLU A 42 22.15 15.92 -22.08
C GLU A 42 23.08 16.61 -21.09
N PRO A 43 23.96 17.55 -21.54
CA PRO A 43 24.72 18.36 -20.59
C PRO A 43 23.87 19.31 -19.74
N LEU A 44 24.39 19.64 -18.54
CA LEU A 44 23.80 20.62 -17.59
C LEU A 44 23.43 21.92 -18.30
N THR A 45 24.32 22.38 -19.17
CA THR A 45 24.21 23.66 -19.90
C THR A 45 22.94 23.66 -20.77
N SER A 46 22.35 22.50 -21.10
CA SER A 46 21.16 22.38 -22.00
C SER A 46 19.83 22.14 -21.23
N ILE A 47 19.86 22.24 -19.90
CA ILE A 47 18.70 21.96 -18.99
C ILE A 47 18.42 23.20 -18.15
N ALA A 48 17.15 23.60 -18.06
CA ALA A 48 16.68 24.67 -17.15
C ALA A 48 16.26 24.01 -15.83
N ILE A 49 16.89 24.40 -14.73
CA ILE A 49 16.65 23.85 -13.37
C ILE A 49 15.97 24.92 -12.51
N HIS A 50 14.79 24.59 -11.96
CA HIS A 50 13.98 25.43 -11.03
C HIS A 50 13.94 24.74 -9.66
N ARG A 51 14.55 25.35 -8.64
CA ARG A 51 14.66 24.77 -7.28
C ARG A 51 13.88 25.65 -6.30
N ALA A 52 12.97 25.05 -5.54
CA ALA A 52 12.31 25.69 -4.38
C ALA A 52 12.51 24.78 -3.17
N GLY A 53 13.54 25.02 -2.38
CA GLY A 53 13.76 24.17 -1.20
C GLY A 53 13.95 22.71 -1.63
N GLU A 54 13.10 21.80 -1.15
CA GLU A 54 13.24 20.35 -1.42
C GLU A 54 12.52 19.95 -2.72
N PHE A 55 11.93 20.88 -3.46
CA PHE A 55 11.35 20.60 -4.81
C PHE A 55 12.32 21.05 -5.92
N THR A 56 12.64 20.16 -6.84
CA THR A 56 13.46 20.50 -8.04
C THR A 56 12.76 20.06 -9.33
N LEU A 57 12.63 20.97 -10.28
CA LEU A 57 12.13 20.68 -11.66
C LEU A 57 13.23 20.89 -12.70
N PHE A 58 13.41 19.88 -13.55
CA PHE A 58 14.35 19.88 -14.71
C PHE A 58 13.51 20.03 -15.99
N ARG A 59 13.79 21.05 -16.82
N ARG A 59 13.80 21.03 -16.84
CA ARG A 59 13.17 21.17 -18.18
CA ARG A 59 13.16 21.16 -18.18
C ARG A 59 14.27 20.95 -19.23
C ARG A 59 14.22 20.99 -19.27
N PHE A 60 14.12 19.92 -20.07
CA PHE A 60 15.10 19.55 -21.11
C PHE A 60 14.76 20.30 -22.40
N SER A 61 15.74 20.47 -23.29
N SER A 61 15.77 20.48 -23.25
CA SER A 61 15.60 21.18 -24.59
CA SER A 61 15.69 21.16 -24.57
C SER A 61 15.28 20.20 -25.73
C SER A 61 15.02 20.24 -25.60
N LYS A 62 15.12 18.92 -25.42
CA LYS A 62 14.60 17.88 -26.35
C LYS A 62 13.65 16.91 -25.62
N LYS A 63 12.84 16.17 -26.37
CA LYS A 63 11.97 15.13 -25.74
C LYS A 63 12.80 13.93 -25.29
N ILE A 64 12.86 13.71 -24.00
CA ILE A 64 13.59 12.56 -23.38
C ILE A 64 12.62 11.39 -23.34
N ARG A 65 11.32 11.63 -23.03
CA ARG A 65 10.29 10.56 -22.87
C ARG A 65 9.12 10.82 -23.83
N PRO A 66 9.32 10.65 -25.16
CA PRO A 66 8.29 10.97 -26.15
C PRO A 66 7.12 9.99 -26.14
N ASP A 67 7.25 8.89 -25.41
CA ASP A 67 6.12 7.96 -25.18
C ASP A 67 5.04 8.61 -24.31
N LEU A 68 5.35 9.70 -23.57
CA LEU A 68 4.40 10.21 -22.55
C LEU A 68 3.58 11.39 -23.09
N THR A 69 2.39 11.56 -22.53
CA THR A 69 1.59 12.82 -22.67
C THR A 69 1.94 13.75 -21.49
N GLY A 70 1.92 15.06 -21.70
CA GLY A 70 1.99 16.05 -20.60
C GLY A 70 0.77 15.93 -19.71
N MET A 71 0.95 15.89 -18.39
CA MET A 71 -0.19 15.89 -17.39
C MET A 71 -0.13 17.15 -16.48
N ILE A 72 -1.08 17.27 -15.56
CA ILE A 72 -1.24 18.48 -14.72
C ILE A 72 -0.38 18.32 -13.46
N LEU A 73 0.49 19.29 -13.18
CA LEU A 73 1.27 19.46 -11.93
C LEU A 73 0.63 20.65 -11.21
N GLU A 74 0.18 20.42 -9.99
CA GLU A 74 -0.38 21.47 -9.12
C GLU A 74 0.54 21.75 -7.93
N GLU A 75 0.40 22.95 -7.32
CA GLU A 75 1.19 23.34 -6.11
C GLU A 75 0.51 22.78 -4.87
N GLY A 76 0.75 21.50 -4.56
CA GLY A 76 -0.01 20.82 -3.51
C GLY A 76 -1.48 20.65 -3.87
N CYS A 77 -2.30 20.31 -2.87
CA CYS A 77 -3.73 19.95 -3.06
C CYS A 77 -4.57 20.47 -1.89
N PRO A 78 -5.91 20.56 -2.07
CA PRO A 78 -6.79 20.98 -0.98
C PRO A 78 -6.62 20.10 0.25
N GLU A 79 -6.71 20.72 1.43
CA GLU A 79 -6.76 19.94 2.68
C GLU A 79 -7.88 18.92 2.59
N GLY A 80 -7.60 17.72 3.06
CA GLY A 80 -8.55 16.61 3.06
C GLY A 80 -8.47 15.75 1.83
N THR A 81 -7.73 16.14 0.78
CA THR A 81 -7.50 15.27 -0.39
C THR A 81 -6.81 14.00 0.07
N VAL A 82 -7.23 12.84 -0.43
CA VAL A 82 -6.49 11.58 -0.23
C VAL A 82 -5.61 11.34 -1.47
N CYS A 83 -4.29 11.34 -1.26
CA CYS A 83 -3.28 11.02 -2.30
C CYS A 83 -2.81 9.56 -2.17
N SER A 84 -2.25 9.06 -3.27
CA SER A 84 -1.38 7.85 -3.29
C SER A 84 0.07 8.30 -3.52
N VAL A 85 1.00 7.83 -2.72
CA VAL A 85 2.46 8.04 -2.96
C VAL A 85 2.96 6.81 -3.75
N LEU A 86 3.49 7.02 -4.97
CA LEU A 86 3.76 5.88 -5.90
C LEU A 86 5.16 5.34 -5.62
N ILE A 87 5.25 4.41 -4.67
CA ILE A 87 6.51 3.82 -4.16
C ILE A 87 6.84 2.46 -4.82
N LYS A 88 8.03 2.35 -5.43
CA LYS A 88 8.55 1.06 -5.98
C LYS A 88 9.43 0.38 -4.92
N ARG A 89 9.19 -0.91 -4.66
CA ARG A 89 10.00 -1.68 -3.68
C ARG A 89 10.56 -3.00 -4.25
N ASP A 90 11.51 -3.57 -3.52
CA ASP A 90 12.36 -4.71 -3.97
C ASP A 90 11.42 -5.69 -4.62
N SER A 91 11.47 -5.67 -5.97
CA SER A 91 11.18 -6.82 -6.87
C SER A 91 9.98 -6.60 -7.78
N GLY A 92 9.88 -5.46 -8.48
CA GLY A 92 8.65 -5.13 -9.23
C GLY A 92 7.41 -5.11 -8.34
N GLU A 93 7.58 -4.94 -7.01
CA GLU A 93 6.40 -4.63 -6.16
C GLU A 93 6.09 -3.13 -6.20
N LEU A 94 4.79 -2.82 -6.22
CA LEU A 94 4.27 -1.44 -6.38
C LEU A 94 3.44 -1.12 -5.13
N LEU A 95 3.84 -0.11 -4.40
CA LEU A 95 3.22 0.23 -3.10
C LEU A 95 2.62 1.66 -3.14
N PRO A 96 1.36 1.79 -3.59
CA PRO A 96 0.68 3.10 -3.60
C PRO A 96 0.10 3.41 -2.21
N LEU A 97 0.88 4.11 -1.38
CA LEU A 97 0.52 4.34 0.05
C LEU A 97 -0.53 5.46 0.09
N ALA A 98 -1.69 5.19 0.70
CA ALA A 98 -2.76 6.21 0.90
C ALA A 98 -2.39 7.23 1.99
N VAL A 99 -2.60 8.52 1.71
N VAL A 99 -2.57 8.53 1.70
CA VAL A 99 -2.24 9.61 2.68
CA VAL A 99 -2.16 9.66 2.60
C VAL A 99 -3.31 10.71 2.64
C VAL A 99 -3.28 10.72 2.63
N ARG A 100 -3.73 11.14 3.83
CA ARG A 100 -4.73 12.23 3.97
C ARG A 100 -3.92 13.53 4.10
N MET A 101 -4.12 14.47 3.20
CA MET A 101 -3.25 15.67 3.15
C MET A 101 -3.86 16.78 4.04
N GLY A 102 -2.96 17.54 4.68
CA GLY A 102 -3.28 18.68 5.53
C GLY A 102 -2.55 19.93 5.10
N ALA A 103 -2.16 20.75 6.07
CA ALA A 103 -1.62 22.12 5.86
C ALA A 103 -0.15 22.08 5.39
N ILE A 104 0.23 23.11 4.64
CA ILE A 104 1.65 23.56 4.43
C ILE A 104 2.23 23.87 5.81
N ALA A 105 3.38 23.28 6.14
CA ALA A 105 4.06 23.34 7.45
C ALA A 105 5.59 23.44 7.33
N SER A 106 6.19 24.05 8.34
CA SER A 106 7.63 23.99 8.66
C SER A 106 7.83 23.13 9.90
N MET A 107 8.73 22.14 9.79
CA MET A 107 8.95 21.12 10.83
C MET A 107 10.46 20.81 10.92
N ARG A 108 10.86 20.18 12.03
CA ARG A 108 12.21 19.62 12.23
C ARG A 108 12.07 18.10 12.31
N ILE A 109 12.63 17.38 11.32
CA ILE A 109 12.44 15.90 11.19
C ILE A 109 13.82 15.27 11.13
N GLN A 110 14.14 14.41 12.12
CA GLN A 110 15.47 13.77 12.21
C GLN A 110 16.50 14.91 12.19
N GLY A 111 16.26 16.04 12.88
CA GLY A 111 17.26 17.13 13.05
C GLY A 111 17.29 18.14 11.90
N ARG A 112 16.80 17.77 10.71
CA ARG A 112 16.79 18.59 9.47
C ARG A 112 15.57 19.53 9.47
N LEU A 113 15.67 20.73 8.91
CA LEU A 113 14.50 21.63 8.77
C LEU A 113 13.82 21.33 7.41
N VAL A 114 12.50 21.13 7.44
N VAL A 114 12.51 21.01 7.41
CA VAL A 114 11.68 20.69 6.28
CA VAL A 114 11.75 20.69 6.16
C VAL A 114 10.44 21.58 6.10
C VAL A 114 10.44 21.48 6.08
N HIS A 115 10.09 21.87 4.84
CA HIS A 115 8.95 22.73 4.50
C HIS A 115 8.20 22.09 3.34
N GLY A 116 6.92 21.80 3.53
CA GLY A 116 6.08 21.32 2.42
C GLY A 116 4.68 21.03 2.91
N GLN A 117 3.89 20.25 2.15
CA GLN A 117 2.50 19.89 2.55
C GLN A 117 2.54 18.63 3.41
N SER A 118 2.10 18.77 4.67
CA SER A 118 2.02 17.68 5.64
C SER A 118 0.86 16.74 5.24
N GLY A 119 0.98 15.47 5.60
CA GLY A 119 -0.09 14.50 5.48
C GLY A 119 0.04 13.39 6.50
N MET A 120 -1.00 12.56 6.67
CA MET A 120 -0.93 11.43 7.64
C MET A 120 -1.31 10.13 6.88
N LEU A 121 -0.51 9.10 7.06
CA LEU A 121 -0.74 7.82 6.35
C LEU A 121 -2.06 7.19 6.80
N LEU A 122 -2.73 6.53 5.84
CA LEU A 122 -4.02 5.82 6.03
C LEU A 122 -3.81 4.32 5.82
N THR A 123 -2.62 3.82 6.20
CA THR A 123 -2.22 2.39 5.95
C THR A 123 -2.37 1.54 7.22
N GLY A 124 -2.49 2.15 8.40
CA GLY A 124 -2.47 1.45 9.71
C GLY A 124 -2.26 2.41 10.87
N ALA A 125 -2.20 1.91 12.11
CA ALA A 125 -2.25 2.79 13.33
C ALA A 125 -0.88 3.44 13.61
N ASN A 126 0.12 2.63 13.92
CA ASN A 126 1.53 3.05 13.76
C ASN A 126 1.97 2.54 12.39
N ALA A 127 2.87 3.28 11.74
CA ALA A 127 3.42 2.93 10.42
C ALA A 127 4.97 2.98 10.44
N LYS A 128 5.62 2.67 11.56
CA LYS A 128 7.10 2.75 11.69
C LYS A 128 7.80 1.52 11.08
N GLY A 129 8.12 1.53 9.80
CA GLY A 129 8.69 0.34 9.15
C GLY A 129 8.33 0.28 7.68
N MET A 130 8.94 -0.66 6.96
CA MET A 130 8.85 -0.68 5.48
C MET A 130 7.53 -1.33 5.02
N ASP A 131 6.85 -2.09 5.89
CA ASP A 131 5.64 -2.87 5.46
C ASP A 131 4.44 -1.93 5.26
N LEU A 132 4.27 -0.93 6.14
CA LEU A 132 3.10 -0.01 6.12
C LEU A 132 3.52 1.46 5.92
N GLY A 133 4.80 1.77 5.97
CA GLY A 133 5.26 3.18 5.95
C GLY A 133 6.39 3.41 4.93
N THR A 134 6.97 4.62 4.95
CA THR A 134 8.05 5.03 4.04
C THR A 134 9.43 4.70 4.65
N ILE A 135 10.42 4.67 3.79
CA ILE A 135 11.86 4.47 4.12
C ILE A 135 12.63 5.57 3.39
N PRO A 136 13.86 5.92 3.82
CA PRO A 136 14.60 7.02 3.17
C PRO A 136 14.78 6.87 1.64
N GLY A 137 14.90 5.62 1.14
CA GLY A 137 15.02 5.32 -0.31
C GLY A 137 13.78 5.71 -1.11
N ASP A 138 12.66 6.04 -0.47
CA ASP A 138 11.40 6.40 -1.13
C ASP A 138 11.41 7.87 -1.56
N CYS A 139 12.37 8.67 -1.11
CA CYS A 139 12.30 10.13 -1.38
C CYS A 139 12.33 10.38 -2.89
N GLY A 140 11.56 11.39 -3.30
CA GLY A 140 11.32 11.73 -4.71
C GLY A 140 10.10 11.06 -5.34
N ALA A 141 9.50 10.06 -4.69
CA ALA A 141 8.29 9.39 -5.22
C ALA A 141 7.14 10.40 -5.27
N PRO A 142 6.29 10.34 -6.34
CA PRO A 142 5.27 11.35 -6.52
C PRO A 142 3.99 11.16 -5.69
N TYR A 143 3.36 12.27 -5.32
CA TYR A 143 2.01 12.32 -4.66
C TYR A 143 1.01 12.61 -5.78
N VAL A 144 0.09 11.66 -6.02
CA VAL A 144 -0.93 11.76 -7.09
C VAL A 144 -2.33 11.61 -6.49
N TYR A 145 -3.34 12.20 -7.16
CA TYR A 145 -4.74 11.88 -6.82
C TYR A 145 -5.64 11.93 -8.07
N LYS A 146 -6.75 11.21 -7.96
CA LYS A 146 -7.78 11.09 -9.02
C LYS A 146 -8.91 12.09 -8.81
N ARG A 147 -9.28 12.77 -9.87
CA ARG A 147 -10.49 13.62 -9.88
C ARG A 147 -11.59 12.91 -10.65
N ALA A 148 -12.63 13.64 -11.03
CA ALA A 148 -13.80 13.04 -11.71
C ALA A 148 -13.34 12.30 -12.98
N ASN A 149 -12.38 12.89 -13.70
CA ASN A 149 -12.06 12.40 -15.06
C ASN A 149 -10.56 12.15 -15.22
N ASP A 150 -9.71 12.78 -14.42
CA ASP A 150 -8.26 12.63 -14.68
C ASP A 150 -7.48 12.42 -13.36
N TRP A 151 -6.15 12.37 -13.47
CA TRP A 151 -5.20 12.30 -12.33
C TRP A 151 -4.29 13.51 -12.39
N VAL A 152 -3.88 14.01 -11.22
CA VAL A 152 -2.99 15.17 -10.98
C VAL A 152 -1.78 14.69 -10.18
N VAL A 153 -0.63 15.31 -10.42
CA VAL A 153 0.57 15.20 -9.55
C VAL A 153 0.72 16.51 -8.78
N CYS A 154 0.92 16.42 -7.47
CA CYS A 154 0.96 17.64 -6.64
C CYS A 154 2.20 17.76 -5.76
N GLY A 155 3.19 16.88 -5.90
CA GLY A 155 4.49 17.05 -5.20
C GLY A 155 5.29 15.76 -5.10
N VAL A 156 6.40 15.83 -4.39
CA VAL A 156 7.37 14.69 -4.28
C VAL A 156 7.69 14.40 -2.82
N HIS A 157 7.95 13.14 -2.48
CA HIS A 157 8.22 12.74 -1.06
C HIS A 157 9.53 13.32 -0.56
N ALA A 158 9.49 14.08 0.54
CA ALA A 158 10.69 14.76 1.07
C ALA A 158 11.15 14.19 2.41
N ALA A 159 10.18 13.82 3.27
CA ALA A 159 10.51 13.37 4.65
C ALA A 159 9.36 12.61 5.32
N ALA A 160 9.69 11.95 6.41
CA ALA A 160 8.72 11.27 7.28
C ALA A 160 9.26 11.25 8.70
N THR A 161 8.35 11.40 9.65
CA THR A 161 8.69 11.41 11.10
C THR A 161 9.14 10.03 11.56
N LYS A 162 9.89 10.03 12.67
CA LYS A 162 10.40 8.81 13.32
C LYS A 162 9.24 7.83 13.57
N SER A 163 8.09 8.31 14.04
CA SER A 163 6.88 7.50 14.27
C SER A 163 6.40 6.89 12.96
N GLY A 164 6.64 7.57 11.84
CA GLY A 164 6.18 7.09 10.52
C GLY A 164 4.85 7.70 10.10
N ASN A 165 4.01 8.12 11.07
CA ASN A 165 2.62 8.61 10.86
C ASN A 165 2.51 9.83 9.94
N THR A 166 3.39 10.83 10.11
CA THR A 166 3.38 12.08 9.32
C THR A 166 4.41 12.03 8.19
N VAL A 167 4.02 12.48 7.01
CA VAL A 167 4.91 12.58 5.82
C VAL A 167 4.83 14.02 5.29
N VAL A 168 5.83 14.41 4.50
CA VAL A 168 5.89 15.76 3.88
C VAL A 168 6.17 15.60 2.41
N CYS A 169 5.30 16.20 1.61
CA CYS A 169 5.34 16.40 0.15
C CYS A 169 5.95 17.75 -0.18
N ALA A 170 7.15 17.83 -0.77
CA ALA A 170 7.69 19.11 -1.29
C ALA A 170 6.84 19.53 -2.52
N VAL A 171 6.52 20.81 -2.60
CA VAL A 171 5.60 21.40 -3.60
C VAL A 171 6.33 22.49 -4.40
N GLN A 172 5.86 22.73 -5.63
CA GLN A 172 6.36 23.78 -6.57
C GLN A 172 6.04 25.15 -5.94
N PRO B 1 13.10 -9.86 4.51
CA PRO B 1 12.14 -10.57 5.38
C PRO B 1 10.85 -9.75 5.58
N THR B 2 9.70 -10.21 5.09
CA THR B 2 8.51 -9.32 5.00
C THR B 2 7.20 -10.07 5.28
N LEU B 3 6.32 -9.37 5.97
CA LEU B 3 4.90 -9.76 6.12
C LEU B 3 4.31 -10.05 4.75
N TRP B 4 4.65 -9.21 3.76
CA TRP B 4 4.01 -9.26 2.43
C TRP B 4 4.29 -10.62 1.74
N SER B 5 5.47 -11.21 1.98
CA SER B 5 5.79 -12.53 1.35
C SER B 5 4.85 -13.64 1.84
N ARG B 6 4.21 -13.46 2.97
CA ARG B 6 3.24 -14.44 3.52
C ARG B 6 1.87 -14.43 2.78
N VAL B 7 1.53 -13.33 2.12
CA VAL B 7 0.25 -13.16 1.37
C VAL B 7 0.39 -13.85 0.02
N THR B 8 -0.42 -14.87 -0.26
CA THR B 8 -0.24 -15.76 -1.43
C THR B 8 -1.56 -15.90 -2.21
N LYS B 9 -1.51 -15.90 -3.54
CA LYS B 9 -2.68 -16.12 -4.39
C LYS B 9 -3.22 -17.54 -4.16
N PHE B 10 -4.54 -17.68 -3.98
CA PHE B 10 -5.14 -19.01 -3.65
C PHE B 10 -6.58 -19.05 -4.11
N GLY B 11 -6.97 -20.02 -4.94
CA GLY B 11 -8.38 -20.15 -5.34
C GLY B 11 -8.86 -18.86 -6.02
N SER B 12 -10.01 -18.36 -5.61
CA SER B 12 -10.61 -17.16 -6.20
C SER B 12 -10.13 -15.92 -5.41
N GLY B 13 -9.22 -16.10 -4.45
CA GLY B 13 -8.68 -14.97 -3.68
C GLY B 13 -7.24 -15.19 -3.22
N TRP B 14 -7.03 -15.10 -1.91
CA TRP B 14 -5.69 -15.02 -1.28
C TRP B 14 -5.70 -15.84 0.02
N GLY B 15 -4.52 -16.09 0.55
CA GLY B 15 -4.36 -16.62 1.91
C GLY B 15 -3.07 -16.16 2.55
N PHE B 16 -2.79 -16.60 3.79
CA PHE B 16 -1.69 -16.03 4.58
C PHE B 16 -0.98 -17.13 5.39
N TRP B 17 0.33 -17.24 5.20
CA TRP B 17 1.22 -18.15 5.98
C TRP B 17 1.50 -17.57 7.39
N VAL B 18 0.88 -18.21 8.39
CA VAL B 18 1.13 -17.91 9.83
C VAL B 18 2.49 -18.49 10.25
N SER B 19 2.86 -19.62 9.71
CA SER B 19 4.12 -20.34 10.06
C SER B 19 4.51 -21.24 8.89
N PRO B 20 5.65 -21.96 8.95
CA PRO B 20 6.03 -22.85 7.84
C PRO B 20 4.98 -23.90 7.49
N THR B 21 4.09 -24.24 8.42
CA THR B 21 3.10 -25.34 8.24
C THR B 21 1.65 -24.87 8.36
N VAL B 22 1.41 -23.58 8.67
CA VAL B 22 0.01 -23.11 8.90
C VAL B 22 -0.36 -21.99 7.91
N PHE B 23 -1.44 -22.24 7.17
CA PHE B 23 -2.00 -21.33 6.12
C PHE B 23 -3.47 -21.02 6.45
N ILE B 24 -3.86 -19.74 6.47
CA ILE B 24 -5.27 -19.34 6.75
C ILE B 24 -5.86 -18.66 5.51
N THR B 25 -7.16 -18.80 5.31
CA THR B 25 -7.87 -18.22 4.13
C THR B 25 -9.36 -18.06 4.45
N THR B 26 -10.11 -17.49 3.51
CA THR B 26 -11.58 -17.35 3.59
C THR B 26 -12.20 -18.59 2.94
N THR B 27 -13.14 -19.26 3.61
CA THR B 27 -13.73 -20.54 3.18
C THR B 27 -14.23 -20.48 1.73
N HIS B 28 -14.95 -19.41 1.35
CA HIS B 28 -15.60 -19.33 0.01
C HIS B 28 -14.58 -19.23 -1.13
N VAL B 29 -13.30 -18.91 -0.92
CA VAL B 29 -12.33 -18.80 -2.04
C VAL B 29 -11.66 -20.14 -2.35
N ILE B 30 -11.79 -21.15 -1.48
CA ILE B 30 -11.03 -22.43 -1.60
C ILE B 30 -11.59 -23.22 -2.77
N PRO B 31 -10.74 -23.77 -3.67
CA PRO B 31 -11.20 -24.69 -4.73
C PRO B 31 -12.05 -25.83 -4.17
N THR B 32 -13.17 -26.13 -4.81
CA THR B 32 -14.10 -27.20 -4.37
C THR B 32 -13.76 -28.53 -5.03
N SER B 33 -12.90 -28.54 -6.04
CA SER B 33 -12.32 -29.77 -6.65
CA SER B 33 -12.32 -29.77 -6.65
C SER B 33 -10.79 -29.72 -6.52
N ALA B 34 -10.17 -30.60 -5.69
CA ALA B 34 -8.71 -30.61 -5.50
C ALA B 34 -8.22 -31.94 -4.96
N LYS B 35 -7.03 -32.36 -5.42
CA LYS B 35 -6.32 -33.53 -4.82
C LYS B 35 -5.07 -33.08 -4.06
N GLU B 36 -4.61 -31.84 -4.26
CA GLU B 36 -3.36 -31.38 -3.59
C GLU B 36 -3.39 -29.85 -3.50
N PHE B 37 -2.66 -29.29 -2.54
CA PHE B 37 -2.39 -27.85 -2.41
C PHE B 37 -0.89 -27.67 -2.13
N PHE B 38 -0.24 -26.76 -2.87
CA PHE B 38 1.18 -26.39 -2.65
C PHE B 38 2.03 -27.67 -2.75
N GLY B 39 1.62 -28.59 -3.64
CA GLY B 39 2.33 -29.85 -3.92
C GLY B 39 2.20 -30.90 -2.84
N GLU B 40 1.32 -30.73 -1.86
CA GLU B 40 1.12 -31.74 -0.79
C GLU B 40 -0.25 -32.37 -0.98
N PRO B 41 -0.33 -33.72 -0.95
CA PRO B 41 -1.62 -34.36 -1.17
C PRO B 41 -2.62 -34.00 -0.04
N LEU B 42 -3.88 -33.80 -0.40
CA LEU B 42 -4.95 -33.40 0.57
C LEU B 42 -5.09 -34.46 1.66
N THR B 43 -4.84 -35.73 1.31
CA THR B 43 -4.50 -36.86 2.21
C THR B 43 -3.81 -36.41 3.49
N SER B 44 -2.81 -35.53 3.37
CA SER B 44 -1.85 -35.22 4.46
C SER B 44 -2.12 -33.83 5.07
N ILE B 45 -3.25 -33.18 4.75
CA ILE B 45 -3.56 -31.80 5.25
C ILE B 45 -4.74 -31.88 6.21
N ALA B 46 -4.58 -31.30 7.39
CA ALA B 46 -5.67 -31.11 8.39
C ALA B 46 -6.41 -29.81 8.04
N ILE B 47 -7.73 -29.87 7.91
CA ILE B 47 -8.55 -28.68 7.61
C ILE B 47 -9.47 -28.39 8.82
N HIS B 48 -9.39 -27.17 9.36
CA HIS B 48 -10.25 -26.66 10.47
C HIS B 48 -11.05 -25.47 9.96
N ARG B 49 -12.36 -25.69 9.77
CA ARG B 49 -13.33 -24.70 9.22
CA ARG B 49 -13.31 -24.68 9.23
C ARG B 49 -14.21 -24.21 10.38
N ALA B 50 -14.41 -22.89 10.47
CA ALA B 50 -15.41 -22.20 11.32
C ALA B 50 -16.07 -21.10 10.48
N GLY B 51 -17.20 -21.38 9.86
CA GLY B 51 -17.86 -20.39 8.98
C GLY B 51 -16.92 -19.94 7.86
N GLU B 52 -16.69 -18.62 7.75
CA GLU B 52 -15.88 -18.05 6.65
C GLU B 52 -14.37 -18.09 6.97
N PHE B 53 -13.95 -18.65 8.12
CA PHE B 53 -12.52 -18.81 8.48
C PHE B 53 -12.11 -20.26 8.26
N THR B 54 -11.02 -20.51 7.51
CA THR B 54 -10.44 -21.88 7.34
C THR B 54 -8.94 -21.84 7.62
N LEU B 55 -8.45 -22.81 8.40
CA LEU B 55 -7.02 -23.02 8.69
C LEU B 55 -6.62 -24.41 8.15
N PHE B 56 -5.54 -24.43 7.40
CA PHE B 56 -4.82 -25.65 6.92
C PHE B 56 -3.56 -25.88 7.76
N ARG B 57 -3.34 -27.10 8.26
CA ARG B 57 -2.06 -27.52 8.92
CA ARG B 57 -2.02 -27.46 8.86
C ARG B 57 -1.42 -28.60 8.04
N PHE B 58 -0.27 -28.32 7.40
CA PHE B 58 0.50 -29.24 6.52
C PHE B 58 1.36 -30.20 7.36
N SER B 59 1.66 -31.40 6.84
CA SER B 59 2.45 -32.39 7.61
C SER B 59 3.95 -32.18 7.36
N LYS B 60 4.33 -31.31 6.42
CA LYS B 60 5.76 -30.91 6.30
C LYS B 60 5.88 -29.39 6.09
N LYS B 61 7.10 -28.86 6.19
CA LYS B 61 7.34 -27.41 6.08
C LYS B 61 7.22 -26.97 4.63
N ILE B 62 6.19 -26.19 4.29
CA ILE B 62 6.00 -25.60 2.94
C ILE B 62 6.80 -24.30 2.83
N ARG B 63 6.86 -23.51 3.92
CA ARG B 63 7.56 -22.19 3.94
C ARG B 63 8.57 -22.18 5.09
N PRO B 64 9.67 -22.97 4.96
CA PRO B 64 10.69 -23.04 6.01
C PRO B 64 11.49 -21.73 6.24
N ASP B 65 11.37 -20.79 5.32
CA ASP B 65 11.98 -19.43 5.42
C ASP B 65 11.26 -18.59 6.50
N LEU B 66 10.06 -18.96 6.92
CA LEU B 66 9.24 -18.12 7.84
C LEU B 66 9.39 -18.54 9.32
N THR B 67 9.29 -17.58 10.23
CA THR B 67 9.02 -17.84 11.68
C THR B 67 7.50 -17.90 11.92
N GLY B 68 7.10 -18.50 13.03
CA GLY B 68 5.68 -18.55 13.45
C GLY B 68 5.23 -17.26 14.08
N MET B 69 4.05 -16.78 13.69
CA MET B 69 3.44 -15.51 14.09
C MET B 69 2.33 -15.78 15.09
N ILE B 70 1.97 -14.75 15.86
CA ILE B 70 0.79 -14.78 16.76
C ILE B 70 -0.51 -14.72 15.97
N LEU B 71 -1.38 -15.72 16.11
CA LEU B 71 -2.79 -15.74 15.57
C LEU B 71 -3.78 -15.68 16.75
N GLU B 72 -4.65 -14.68 16.75
CA GLU B 72 -5.72 -14.47 17.79
C GLU B 72 -7.12 -14.45 17.14
N GLU B 73 -8.16 -14.66 17.98
CA GLU B 73 -9.57 -14.68 17.55
CA GLU B 73 -9.58 -14.68 17.54
C GLU B 73 -10.08 -13.23 17.52
N GLY B 74 -9.81 -12.51 16.45
CA GLY B 74 -10.16 -11.07 16.37
C GLY B 74 -9.27 -10.21 17.26
N CYS B 75 -9.61 -8.95 17.45
CA CYS B 75 -8.85 -7.98 18.27
C CYS B 75 -9.80 -7.14 19.13
N PRO B 76 -9.26 -6.42 20.13
CA PRO B 76 -10.07 -5.54 20.96
C PRO B 76 -10.82 -4.52 20.08
N GLU B 77 -12.06 -4.22 20.45
CA GLU B 77 -12.80 -3.11 19.80
C GLU B 77 -11.99 -1.82 19.82
N GLY B 78 -12.00 -1.11 18.69
CA GLY B 78 -11.26 0.15 18.53
C GLY B 78 -9.85 -0.03 17.97
N THR B 79 -9.36 -1.27 17.88
CA THR B 79 -8.02 -1.53 17.31
C THR B 79 -8.06 -1.05 15.87
N VAL B 80 -7.08 -0.27 15.42
CA VAL B 80 -6.88 0.03 13.98
C VAL B 80 -5.95 -1.04 13.40
N CYS B 81 -6.53 -1.92 12.57
CA CYS B 81 -5.79 -2.97 11.83
C CYS B 81 -5.38 -2.43 10.46
N SER B 82 -4.54 -3.19 9.78
CA SER B 82 -4.26 -3.08 8.33
C SER B 82 -4.79 -4.35 7.64
N VAL B 83 -5.52 -4.19 6.53
CA VAL B 83 -5.84 -5.32 5.61
C VAL B 83 -4.73 -5.30 4.51
N LEU B 84 -3.99 -6.41 4.39
CA LEU B 84 -2.81 -6.52 3.47
C LEU B 84 -3.27 -7.05 2.11
N ILE B 85 -3.83 -6.15 1.30
CA ILE B 85 -4.38 -6.49 -0.04
C ILE B 85 -3.25 -6.64 -1.08
N LYS B 86 -3.23 -7.79 -1.77
CA LYS B 86 -2.42 -7.91 -3.02
C LYS B 86 -3.34 -7.87 -4.22
N ARG B 87 -2.88 -7.23 -5.30
CA ARG B 87 -3.65 -7.14 -6.57
C ARG B 87 -2.87 -7.86 -7.69
N ASP B 88 -3.58 -8.45 -8.63
CA ASP B 88 -2.92 -9.06 -9.81
C ASP B 88 -2.14 -8.01 -10.63
N SER B 89 -2.50 -6.73 -10.60
CA SER B 89 -1.72 -5.62 -11.19
C SER B 89 -0.25 -5.61 -10.73
N GLY B 90 0.04 -6.17 -9.56
CA GLY B 90 1.33 -6.10 -8.83
C GLY B 90 1.32 -5.10 -7.67
N GLU B 91 0.20 -4.40 -7.42
CA GLU B 91 0.09 -3.40 -6.30
C GLU B 91 -0.08 -4.17 -4.98
N LEU B 92 0.56 -3.61 -3.95
CA LEU B 92 0.42 -3.94 -2.51
C LEU B 92 -0.35 -2.79 -1.88
N LEU B 93 -1.50 -3.07 -1.26
CA LEU B 93 -2.46 -2.02 -0.82
C LEU B 93 -2.80 -2.21 0.65
N PRO B 94 -1.96 -1.74 1.59
CA PRO B 94 -2.30 -1.78 3.02
C PRO B 94 -3.34 -0.70 3.34
N LEU B 95 -4.51 -1.10 3.80
CA LEU B 95 -5.60 -0.15 4.16
C LEU B 95 -5.93 -0.23 5.66
N ALA B 96 -6.00 0.94 6.31
CA ALA B 96 -6.44 1.06 7.72
C ALA B 96 -7.93 0.78 7.87
N VAL B 97 -8.25 0.00 8.90
CA VAL B 97 -9.62 -0.42 9.25
C VAL B 97 -9.80 -0.31 10.76
N ARG B 98 -10.81 0.47 11.18
CA ARG B 98 -11.20 0.57 12.61
C ARG B 98 -12.10 -0.61 12.96
N MET B 99 -11.63 -1.47 13.86
CA MET B 99 -12.38 -2.72 14.14
C MET B 99 -13.46 -2.47 15.21
N GLY B 100 -14.58 -3.14 15.07
CA GLY B 100 -15.75 -3.05 15.98
C GLY B 100 -16.16 -4.41 16.52
N ALA B 101 -17.45 -4.59 16.72
CA ALA B 101 -18.04 -5.74 17.39
C ALA B 101 -18.09 -6.95 16.46
N ILE B 102 -18.08 -8.13 17.07
CA ILE B 102 -18.55 -9.37 16.37
C ILE B 102 -20.03 -9.20 16.05
N ALA B 103 -20.44 -9.54 14.83
CA ALA B 103 -21.81 -9.31 14.33
C ALA B 103 -22.15 -10.22 13.15
N SER B 104 -23.44 -10.38 12.89
N SER B 104 -23.45 -10.32 12.85
CA SER B 104 -24.01 -10.93 11.64
CA SER B 104 -24.02 -10.92 11.63
C SER B 104 -24.66 -9.80 10.83
C SER B 104 -24.73 -9.83 10.80
N MET B 105 -24.36 -9.68 9.51
CA MET B 105 -25.01 -8.72 8.56
C MET B 105 -25.26 -9.36 7.20
N ARG B 106 -26.19 -8.79 6.42
CA ARG B 106 -26.50 -9.19 5.01
C ARG B 106 -25.78 -8.20 4.11
N ILE B 107 -24.47 -8.25 4.16
CA ILE B 107 -23.55 -7.48 3.27
C ILE B 107 -24.00 -7.82 1.86
N GLN B 108 -24.50 -6.83 1.11
CA GLN B 108 -25.12 -7.05 -0.22
C GLN B 108 -26.11 -8.24 -0.17
N GLY B 109 -25.83 -9.33 -0.89
CA GLY B 109 -26.80 -10.42 -1.08
C GLY B 109 -27.09 -11.20 0.21
N ARG B 110 -26.04 -11.59 0.96
CA ARG B 110 -26.03 -12.80 1.84
C ARG B 110 -25.74 -12.42 3.31
N LEU B 111 -25.91 -13.36 4.27
CA LEU B 111 -25.60 -13.15 5.73
C LEU B 111 -24.18 -13.59 6.05
N VAL B 112 -23.41 -12.75 6.74
CA VAL B 112 -21.98 -13.04 7.08
C VAL B 112 -21.76 -12.76 8.55
N HIS B 113 -21.08 -13.68 9.24
CA HIS B 113 -20.72 -13.57 10.68
C HIS B 113 -19.19 -13.38 10.83
N GLY B 114 -18.77 -12.37 11.60
CA GLY B 114 -17.35 -12.10 11.87
C GLY B 114 -17.17 -10.78 12.59
N GLN B 115 -15.94 -10.26 12.62
CA GLN B 115 -15.64 -8.99 13.31
C GLN B 115 -15.81 -7.88 12.29
N SER B 116 -16.79 -7.01 12.54
CA SER B 116 -17.13 -5.87 11.69
C SER B 116 -15.99 -4.83 11.82
N GLY B 117 -15.80 -4.07 10.76
CA GLY B 117 -14.87 -2.93 10.78
C GLY B 117 -15.30 -1.85 9.80
N MET B 118 -14.69 -0.66 9.90
CA MET B 118 -14.97 0.45 8.96
C MET B 118 -13.65 0.91 8.36
N LEU B 119 -13.61 1.03 7.02
CA LEU B 119 -12.41 1.48 6.30
C LEU B 119 -12.17 2.92 6.72
N LEU B 120 -10.91 3.32 6.83
CA LEU B 120 -10.55 4.72 7.21
C LEU B 120 -9.98 5.54 6.05
N THR B 121 -10.28 5.15 4.83
CA THR B 121 -9.90 5.95 3.64
C THR B 121 -11.03 6.94 3.34
N GLY B 122 -12.24 6.69 3.87
CA GLY B 122 -13.39 7.64 3.91
C GLY B 122 -14.00 7.95 2.55
N ALA B 123 -14.41 9.22 2.36
CA ALA B 123 -15.04 9.80 1.14
C ALA B 123 -15.54 8.68 0.21
N ASN B 124 -14.68 8.21 -0.71
CA ASN B 124 -15.01 7.14 -1.70
C ASN B 124 -13.81 6.86 -2.60
N ALA B 125 -13.61 5.58 -2.98
CA ALA B 125 -12.45 5.09 -3.79
C ALA B 125 -12.50 5.70 -5.20
N LYS B 126 -13.62 5.54 -5.92
CA LYS B 126 -13.83 5.93 -7.36
C LYS B 126 -12.63 5.51 -8.21
N GLY B 127 -11.76 4.71 -7.57
CA GLY B 127 -10.29 4.67 -7.67
C GLY B 127 -9.82 3.59 -6.71
N MET B 128 -10.10 2.36 -7.14
CA MET B 128 -9.80 1.04 -6.54
C MET B 128 -8.66 1.05 -5.53
N ASP B 129 -7.83 2.10 -5.45
CA ASP B 129 -6.70 2.00 -4.48
C ASP B 129 -7.06 2.53 -3.11
N LEU B 130 -8.35 2.72 -2.82
CA LEU B 130 -8.79 3.11 -1.45
C LEU B 130 -9.86 2.19 -0.87
N GLY B 131 -10.25 1.15 -1.59
CA GLY B 131 -11.30 0.23 -1.13
C GLY B 131 -11.02 -1.20 -1.55
N THR B 132 -11.80 -2.12 -1.05
CA THR B 132 -11.70 -3.55 -1.43
C THR B 132 -12.51 -3.85 -2.69
N ILE B 133 -12.17 -4.96 -3.34
CA ILE B 133 -12.98 -5.58 -4.43
C ILE B 133 -13.17 -7.06 -4.12
N PRO B 134 -14.16 -7.74 -4.75
CA PRO B 134 -14.44 -9.16 -4.45
C PRO B 134 -13.21 -10.08 -4.47
N GLY B 135 -12.28 -9.82 -5.40
CA GLY B 135 -11.08 -10.64 -5.61
C GLY B 135 -10.12 -10.54 -4.44
N ASP B 136 -10.33 -9.64 -3.46
CA ASP B 136 -9.39 -9.44 -2.32
C ASP B 136 -9.70 -10.41 -1.17
N CYS B 137 -10.76 -11.23 -1.23
CA CYS B 137 -11.16 -12.10 -0.08
C CYS B 137 -10.00 -13.08 0.24
N GLY B 138 -9.74 -13.25 1.53
CA GLY B 138 -8.64 -14.06 2.07
C GLY B 138 -7.49 -13.20 2.56
N ALA B 139 -7.42 -11.92 2.17
CA ALA B 139 -6.34 -11.02 2.64
C ALA B 139 -6.40 -10.96 4.16
N PRO B 140 -5.23 -10.97 4.85
CA PRO B 140 -5.19 -10.95 6.32
C PRO B 140 -5.39 -9.57 6.97
N TYR B 141 -5.98 -9.57 8.16
CA TYR B 141 -6.04 -8.39 9.06
C TYR B 141 -4.91 -8.50 10.09
N VAL B 142 -4.05 -7.47 10.24
CA VAL B 142 -2.86 -7.47 11.13
C VAL B 142 -2.77 -6.15 11.91
N TYR B 143 -2.07 -6.20 13.04
CA TYR B 143 -1.66 -4.97 13.77
C TYR B 143 -0.40 -5.25 14.57
N LYS B 144 0.35 -4.17 14.87
CA LYS B 144 1.58 -4.25 15.69
C LYS B 144 1.21 -4.06 17.17
N ARG B 145 1.70 -4.92 18.06
CA ARG B 145 1.44 -4.86 19.52
C ARG B 145 2.76 -5.25 20.21
N ALA B 146 3.26 -4.33 21.00
CA ALA B 146 4.61 -4.41 21.58
C ALA B 146 5.55 -4.53 20.38
N ASN B 147 6.33 -5.61 20.30
CA ASN B 147 7.34 -5.75 19.22
C ASN B 147 6.83 -6.73 18.16
N ASP B 148 5.58 -7.22 18.27
CA ASP B 148 5.12 -8.35 17.43
C ASP B 148 3.94 -7.96 16.54
N TRP B 149 3.95 -8.54 15.35
CA TRP B 149 2.77 -8.53 14.45
C TRP B 149 1.76 -9.57 14.93
N VAL B 150 0.51 -9.16 15.01
CA VAL B 150 -0.63 -10.06 15.38
C VAL B 150 -1.50 -10.20 14.12
N VAL B 151 -1.86 -11.41 13.76
CA VAL B 151 -2.84 -11.66 12.68
C VAL B 151 -4.15 -12.03 13.36
N CYS B 152 -5.26 -11.38 13.00
CA CYS B 152 -6.50 -11.65 13.77
C CYS B 152 -7.68 -12.09 12.91
N GLY B 153 -7.48 -12.29 11.60
CA GLY B 153 -8.48 -12.94 10.74
C GLY B 153 -8.27 -12.63 9.26
N VAL B 154 -9.27 -12.93 8.43
CA VAL B 154 -9.15 -12.82 6.94
C VAL B 154 -10.37 -12.09 6.38
N HIS B 155 -10.20 -11.46 5.22
CA HIS B 155 -11.25 -10.64 4.56
C HIS B 155 -12.33 -11.54 3.96
N ALA B 156 -13.57 -11.43 4.48
CA ALA B 156 -14.70 -12.29 4.06
C ALA B 156 -15.70 -11.50 3.18
N ALA B 157 -15.93 -10.21 3.44
CA ALA B 157 -16.99 -9.44 2.75
C ALA B 157 -16.81 -7.94 2.89
N ALA B 158 -17.49 -7.16 2.02
CA ALA B 158 -17.50 -5.68 2.12
C ALA B 158 -18.80 -5.18 1.48
N THR B 159 -19.44 -4.19 2.07
CA THR B 159 -20.80 -3.76 1.63
C THR B 159 -20.73 -3.09 0.28
N LYS B 160 -21.90 -2.91 -0.37
CA LYS B 160 -21.99 -2.23 -1.70
C LYS B 160 -21.22 -0.91 -1.61
N SER B 161 -21.52 -0.12 -0.59
CA SER B 161 -20.93 1.24 -0.42
C SER B 161 -19.42 1.12 -0.25
N GLY B 162 -18.93 -0.05 0.18
CA GLY B 162 -17.50 -0.28 0.42
C GLY B 162 -17.06 0.06 1.86
N ASN B 163 -17.86 0.81 2.66
CA ASN B 163 -17.56 1.32 4.03
C ASN B 163 -17.33 0.22 5.11
N THR B 164 -18.27 -0.72 5.26
CA THR B 164 -18.22 -1.81 6.26
C THR B 164 -17.56 -3.04 5.61
N VAL B 165 -16.67 -3.69 6.35
CA VAL B 165 -15.91 -4.91 5.99
C VAL B 165 -16.14 -5.91 7.13
N VAL B 166 -16.06 -7.19 6.77
CA VAL B 166 -16.14 -8.28 7.75
C VAL B 166 -14.85 -9.10 7.68
N CYS B 167 -14.22 -9.28 8.85
CA CYS B 167 -12.98 -10.06 9.08
C CYS B 167 -13.43 -11.38 9.71
N ALA B 168 -13.33 -12.49 8.99
CA ALA B 168 -13.71 -13.80 9.56
C ALA B 168 -12.64 -14.17 10.59
N VAL B 169 -13.05 -14.73 11.72
CA VAL B 169 -12.13 -15.05 12.86
C VAL B 169 -12.18 -16.55 13.21
N GLN B 170 -11.12 -17.01 13.86
CA GLN B 170 -10.95 -18.37 14.41
C GLN B 170 -12.04 -18.55 15.48
N ALA B 171 -12.61 -19.75 15.58
CA ALA B 171 -13.46 -20.26 16.71
C ALA B 171 -14.27 -19.14 17.35
#